data_3UFY
#
_entry.id   3UFY
#
_cell.length_a   58.553
_cell.length_b   64.583
_cell.length_c   96.556
_cell.angle_alpha   90.00
_cell.angle_beta   90.00
_cell.angle_gamma   90.00
#
_symmetry.space_group_name_H-M   'P 21 21 21'
#
loop_
_entity.id
_entity.type
_entity.pdbx_description
1 polymer 'Aldo-keto reductase family 1 member C3'
2 non-polymer 'NADP NICOTINAMIDE-ADENINE-DINUCLEOTIDE PHOSPHATE'
3 non-polymer '(2R)-2-(6-methoxynaphthalen-2-yl)propanoic acid'
4 non-polymer 1,2-ETHANEDIOL
5 water water
#
_entity_poly.entity_id   1
_entity_poly.type   'polypeptide(L)'
_entity_poly.pdbx_seq_one_letter_code
;MDSKHQCVKLNDGHFMPVLGFGTYAPPEVPRSKALEVTKLAIEAGFRHIDSAHLYNNEEQVGLAIRSKIADGSVKREDIF
YTSKLWSTFHRPELVRPALENSLKKAQLDYVDLYLIHSPMSLKPGEELSPTDENGKVIFDIVDLCTTWEAMEKCKDAGLA
KSIGVSNFNRRQLEMILNKPGLKYKPVCNQVECHPYFNRSKLLDFCKSKDIVLVAYSALGSQRDKRWVDPNSPVLLEDPV
LCALAKKHKRTPALIALRYQLQRGVVVLAKSYNEQRIRQNVQVFEFQLTAEDMKAIDGLDRNLHYFNSDSFASHPNYPYS
DEYLEHHHHHH
;
_entity_poly.pdbx_strand_id   A
#
loop_
_chem_comp.id
_chem_comp.type
_chem_comp.name
_chem_comp.formula
EDO non-polymer 1,2-ETHANEDIOL 'C2 H6 O2'
NAP non-polymer 'NADP NICOTINAMIDE-ADENINE-DINUCLEOTIDE PHOSPHATE' 'C21 H28 N7 O17 P3'
NPX non-polymer '(2R)-2-(6-methoxynaphthalen-2-yl)propanoic acid' 'C14 H14 O3'
#
# COMPACT_ATOMS: atom_id res chain seq x y z
N GLN A 6 -13.23 -9.09 4.43
CA GLN A 6 -13.83 -7.90 5.12
C GLN A 6 -13.45 -6.66 4.32
N CYS A 7 -14.21 -5.60 4.46
CA CYS A 7 -13.84 -4.37 3.82
CA CYS A 7 -13.84 -4.36 3.82
C CYS A 7 -13.89 -3.23 4.84
N VAL A 8 -13.41 -2.06 4.45
CA VAL A 8 -13.56 -0.88 5.28
C VAL A 8 -14.25 0.22 4.43
N LYS A 9 -15.08 1.06 5.03
CA LYS A 9 -15.76 2.10 4.30
C LYS A 9 -14.87 3.35 4.33
N LEU A 10 -14.55 3.91 3.16
CA LEU A 10 -13.63 5.04 3.05
C LEU A 10 -14.43 6.31 3.26
N ASN A 11 -13.73 7.42 3.49
CA ASN A 11 -14.43 8.68 3.77
C ASN A 11 -15.19 9.28 2.61
N ASP A 12 -15.11 8.67 1.42
CA ASP A 12 -15.88 9.12 0.25
C ASP A 12 -17.02 8.15 -0.07
N GLY A 13 -17.18 7.16 0.80
CA GLY A 13 -18.31 6.23 0.66
C GLY A 13 -18.01 4.97 -0.13
N HIS A 14 -16.87 4.91 -0.84
CA HIS A 14 -16.42 3.62 -1.45
C HIS A 14 -15.86 2.68 -0.41
N PHE A 15 -15.68 1.40 -0.75
CA PHE A 15 -15.22 0.39 0.22
C PHE A 15 -13.94 -0.21 -0.27
N MET A 16 -13.04 -0.53 0.66
CA MET A 16 -11.72 -1.03 0.34
C MET A 16 -11.59 -2.36 1.06
N PRO A 17 -11.22 -3.42 0.35
CA PRO A 17 -10.94 -4.70 1.06
C PRO A 17 -9.69 -4.53 1.99
N VAL A 18 -9.76 -5.11 3.18
CA VAL A 18 -8.75 -4.80 4.21
C VAL A 18 -7.51 -5.58 4.02
N LEU A 19 -7.54 -6.61 3.16
CA LEU A 19 -6.31 -7.29 2.85
C LEU A 19 -5.98 -7.13 1.37
N GLY A 20 -4.78 -6.64 1.08
CA GLY A 20 -4.44 -6.38 -0.31
C GLY A 20 -3.28 -7.21 -0.77
N PHE A 21 -3.21 -7.48 -2.09
CA PHE A 21 -2.09 -8.17 -2.72
C PHE A 21 -1.02 -7.17 -3.20
N GLY A 22 0.24 -7.33 -2.69
CA GLY A 22 1.34 -6.49 -3.23
C GLY A 22 1.88 -7.09 -4.51
N THR A 23 2.08 -6.28 -5.54
CA THR A 23 2.54 -6.86 -6.83
C THR A 23 3.97 -6.48 -7.22
N TYR A 24 4.70 -5.75 -6.39
CA TYR A 24 6.03 -5.34 -6.82
C TYR A 24 6.97 -6.55 -6.86
N ALA A 25 7.72 -6.73 -7.95
CA ALA A 25 8.86 -7.61 -7.92
C ALA A 25 10.02 -6.91 -8.62
N PRO A 26 11.28 -7.25 -8.24
CA PRO A 26 12.35 -6.48 -8.87
C PRO A 26 12.53 -6.90 -10.32
N PRO A 27 13.33 -6.11 -11.05
CA PRO A 27 13.45 -6.36 -12.46
C PRO A 27 14.08 -7.71 -12.79
N GLU A 28 14.70 -8.40 -11.86
CA GLU A 28 15.24 -9.72 -12.26
C GLU A 28 14.09 -10.78 -12.48
N VAL A 29 12.92 -10.53 -11.90
CA VAL A 29 11.76 -11.41 -12.07
C VAL A 29 11.09 -11.09 -13.43
N PRO A 30 10.95 -12.10 -14.32
CA PRO A 30 10.25 -11.85 -15.60
C PRO A 30 8.85 -11.26 -15.41
N ARG A 31 8.46 -10.36 -16.31
CA ARG A 31 7.21 -9.60 -16.20
C ARG A 31 6.02 -10.53 -16.25
N SER A 32 6.18 -11.66 -16.96
CA SER A 32 5.12 -12.67 -17.00
C SER A 32 4.77 -13.24 -15.60
N LYS A 33 5.69 -13.21 -14.62
CA LYS A 33 5.32 -13.71 -13.29
C LYS A 33 4.17 -12.93 -12.67
N ALA A 34 4.17 -11.60 -12.84
CA ALA A 34 3.11 -10.73 -12.24
C ALA A 34 1.73 -11.18 -12.76
N LEU A 35 1.65 -11.61 -14.02
CA LEU A 35 0.37 -12.11 -14.52
C LEU A 35 -0.07 -13.38 -13.75
N GLU A 36 0.82 -14.38 -13.66
CA GLU A 36 0.53 -15.65 -13.00
C GLU A 36 0.14 -15.42 -11.53
N VAL A 37 0.91 -14.64 -10.79
CA VAL A 37 0.72 -14.61 -9.35
C VAL A 37 -0.49 -13.76 -9.03
N THR A 38 -0.80 -12.77 -9.86
CA THR A 38 -2.01 -11.97 -9.56
C THR A 38 -3.27 -12.84 -9.80
N LYS A 39 -3.26 -13.68 -10.84
CA LYS A 39 -4.37 -14.64 -11.00
C LYS A 39 -4.45 -15.54 -9.75
N LEU A 40 -3.30 -16.05 -9.27
CA LEU A 40 -3.29 -16.95 -8.09
C LEU A 40 -3.86 -16.22 -6.87
N ALA A 41 -3.48 -14.94 -6.72
CA ALA A 41 -3.96 -14.16 -5.59
C ALA A 41 -5.49 -14.04 -5.62
N ILE A 42 -6.04 -13.71 -6.78
CA ILE A 42 -7.50 -13.56 -6.93
C ILE A 42 -8.19 -14.92 -6.68
N GLU A 43 -7.60 -16.01 -7.18
CA GLU A 43 -8.16 -17.36 -6.91
C GLU A 43 -8.10 -17.71 -5.42
N ALA A 44 -7.02 -17.30 -4.73
CA ALA A 44 -6.88 -17.46 -3.30
C ALA A 44 -7.93 -16.64 -2.49
N GLY A 45 -8.44 -15.55 -3.05
CA GLY A 45 -9.43 -14.74 -2.32
C GLY A 45 -9.03 -13.28 -2.14
N PHE A 46 -7.82 -12.88 -2.54
CA PHE A 46 -7.48 -11.44 -2.55
C PHE A 46 -8.42 -10.69 -3.49
N ARG A 47 -8.84 -9.50 -3.09
CA ARG A 47 -9.75 -8.71 -3.94
C ARG A 47 -9.22 -7.30 -4.08
N HIS A 48 -8.18 -7.00 -3.35
CA HIS A 48 -7.59 -5.67 -3.42
C HIS A 48 -6.20 -5.98 -3.99
N ILE A 49 -5.85 -5.25 -5.06
CA ILE A 49 -4.56 -5.52 -5.77
C ILE A 49 -3.81 -4.20 -5.88
N ASP A 50 -2.60 -4.16 -5.38
CA ASP A 50 -1.84 -2.86 -5.28
C ASP A 50 -0.76 -2.80 -6.37
N SER A 51 -0.85 -1.83 -7.30
CA SER A 51 0.17 -1.67 -8.32
C SER A 51 0.61 -0.20 -8.40
N ALA A 52 1.34 0.17 -9.43
CA ALA A 52 1.91 1.53 -9.54
C ALA A 52 2.57 1.65 -10.90
N HIS A 53 2.56 2.87 -11.45
CA HIS A 53 3.39 3.08 -12.67
C HIS A 53 4.82 2.62 -12.50
N LEU A 54 5.40 2.95 -11.36
CA LEU A 54 6.80 2.55 -11.09
C LEU A 54 7.08 1.04 -11.24
N TYR A 55 6.06 0.19 -10.97
CA TYR A 55 6.34 -1.27 -10.87
C TYR A 55 6.56 -1.93 -12.21
N ASN A 56 6.28 -1.19 -13.29
CA ASN A 56 6.46 -1.70 -14.65
C ASN A 56 5.70 -3.06 -14.79
N ASN A 57 4.51 -3.14 -14.20
CA ASN A 57 3.75 -4.42 -14.28
C ASN A 57 2.27 -4.27 -14.56
N GLU A 58 1.84 -3.02 -14.81
CA GLU A 58 0.41 -2.72 -14.91
C GLU A 58 -0.24 -3.46 -16.07
N GLU A 59 0.49 -3.67 -17.17
CA GLU A 59 -0.08 -4.50 -18.26
C GLU A 59 -0.46 -5.91 -17.81
N GLN A 60 0.46 -6.51 -17.08
CA GLN A 60 0.29 -7.88 -16.60
CA GLN A 60 0.32 -7.88 -16.60
C GLN A 60 -0.74 -7.99 -15.49
N VAL A 61 -0.71 -7.08 -14.53
CA VAL A 61 -1.68 -7.10 -13.40
C VAL A 61 -3.11 -6.84 -13.95
N GLY A 62 -3.22 -5.85 -14.85
CA GLY A 62 -4.48 -5.60 -15.54
C GLY A 62 -5.02 -6.80 -16.35
N LEU A 63 -4.15 -7.45 -17.11
CA LEU A 63 -4.54 -8.67 -17.79
C LEU A 63 -4.98 -9.76 -16.79
N ALA A 64 -4.32 -9.88 -15.66
CA ALA A 64 -4.67 -10.91 -14.69
C ALA A 64 -6.08 -10.65 -14.18
N ILE A 65 -6.37 -9.40 -13.85
CA ILE A 65 -7.72 -8.99 -13.44
C ILE A 65 -8.74 -9.25 -14.56
N ARG A 66 -8.44 -8.85 -15.79
CA ARG A 66 -9.38 -9.05 -16.91
C ARG A 66 -9.57 -10.52 -17.24
N SER A 67 -8.51 -11.29 -17.01
CA SER A 67 -8.57 -12.73 -17.20
C SER A 67 -9.56 -13.43 -16.20
N LYS A 68 -9.51 -12.98 -14.94
CA LYS A 68 -10.38 -13.50 -13.85
C LYS A 68 -11.83 -13.01 -13.96
N ILE A 69 -12.02 -11.86 -14.59
CA ILE A 69 -13.40 -11.45 -14.95
C ILE A 69 -13.92 -12.28 -16.11
N ALA A 70 -13.12 -12.42 -17.18
CA ALA A 70 -13.58 -13.13 -18.39
C ALA A 70 -13.96 -14.59 -18.07
N ASP A 71 -13.24 -15.22 -17.15
CA ASP A 71 -13.54 -16.62 -16.84
C ASP A 71 -14.67 -16.78 -15.80
N GLY A 72 -15.27 -15.67 -15.36
CA GLY A 72 -16.39 -15.71 -14.43
C GLY A 72 -16.08 -15.82 -12.93
N SER A 73 -14.82 -15.74 -12.52
CA SER A 73 -14.49 -15.92 -11.09
C SER A 73 -14.91 -14.70 -10.27
N VAL A 74 -14.76 -13.53 -10.88
CA VAL A 74 -15.02 -12.25 -10.23
C VAL A 74 -15.66 -11.29 -11.24
N LYS A 75 -16.32 -10.27 -10.72
CA LYS A 75 -16.75 -9.15 -11.55
C LYS A 75 -15.85 -7.92 -11.26
N ARG A 76 -15.84 -6.97 -12.19
CA ARG A 76 -14.98 -5.80 -12.07
C ARG A 76 -15.27 -5.12 -10.73
N GLU A 77 -16.55 -4.93 -10.44
CA GLU A 77 -16.93 -4.28 -9.17
C GLU A 77 -16.51 -5.06 -7.92
N ASP A 78 -16.08 -6.33 -8.06
CA ASP A 78 -15.60 -7.12 -6.90
C ASP A 78 -14.10 -6.83 -6.60
N ILE A 79 -13.38 -6.23 -7.56
CA ILE A 79 -11.92 -6.05 -7.44
C ILE A 79 -11.65 -4.62 -7.11
N PHE A 80 -10.71 -4.40 -6.22
CA PHE A 80 -10.30 -3.03 -5.88
C PHE A 80 -8.83 -2.93 -6.38
N TYR A 81 -8.63 -2.12 -7.44
CA TYR A 81 -7.32 -2.01 -8.11
C TYR A 81 -6.73 -0.63 -7.81
N THR A 82 -5.51 -0.60 -7.27
CA THR A 82 -4.84 0.67 -6.96
C THR A 82 -3.68 0.91 -7.89
N SER A 83 -3.54 2.14 -8.39
CA SER A 83 -2.29 2.49 -9.02
C SER A 83 -1.80 3.81 -8.40
N LYS A 84 -0.61 4.26 -8.81
CA LYS A 84 0.05 5.36 -8.08
C LYS A 84 0.71 6.23 -9.10
N LEU A 85 0.59 7.54 -8.85
CA LEU A 85 1.24 8.58 -9.68
C LEU A 85 2.72 8.70 -9.31
N TRP A 86 3.64 8.47 -10.23
CA TRP A 86 5.05 8.53 -9.86
C TRP A 86 5.51 10.01 -9.74
N SER A 87 6.59 10.21 -9.01
CA SER A 87 7.13 11.50 -8.56
C SER A 87 7.68 12.43 -9.61
N THR A 88 7.91 11.90 -10.83
CA THR A 88 8.27 12.73 -11.96
C THR A 88 7.03 13.32 -12.63
N PHE A 89 5.80 13.01 -12.14
CA PHE A 89 4.57 13.52 -12.75
C PHE A 89 3.72 14.34 -11.76
N HIS A 90 4.36 14.92 -10.73
CA HIS A 90 3.66 15.79 -9.75
C HIS A 90 3.07 17.08 -10.32
N ARG A 91 3.69 17.63 -11.36
CA ARG A 91 3.18 18.91 -11.90
C ARG A 91 1.77 18.65 -12.37
N PRO A 92 0.82 19.57 -12.02
CA PRO A 92 -0.57 19.22 -12.10
C PRO A 92 -0.98 18.83 -13.51
N GLU A 93 -0.36 19.45 -14.52
CA GLU A 93 -0.74 19.18 -15.91
C GLU A 93 -0.37 17.76 -16.35
N LEU A 94 0.45 17.06 -15.56
CA LEU A 94 0.91 15.71 -15.93
C LEU A 94 0.10 14.62 -15.25
N VAL A 95 -0.72 14.99 -14.27
CA VAL A 95 -1.43 14.02 -13.42
C VAL A 95 -2.45 13.18 -14.19
N ARG A 96 -3.39 13.83 -14.89
CA ARG A 96 -4.41 13.10 -15.57
C ARG A 96 -3.80 12.27 -16.72
N PRO A 97 -2.88 12.83 -17.53
CA PRO A 97 -2.25 12.00 -18.60
C PRO A 97 -1.55 10.75 -17.97
N ALA A 98 -0.90 10.90 -16.81
CA ALA A 98 -0.20 9.78 -16.22
C ALA A 98 -1.18 8.72 -15.79
N LEU A 99 -2.34 9.14 -15.26
CA LEU A 99 -3.35 8.18 -14.83
C LEU A 99 -3.99 7.48 -16.05
N GLU A 100 -4.26 8.26 -17.09
CA GLU A 100 -4.82 7.72 -18.32
C GLU A 100 -3.88 6.68 -18.95
N ASN A 101 -2.57 6.92 -18.85
CA ASN A 101 -1.55 5.91 -19.30
C ASN A 101 -1.59 4.63 -18.50
N SER A 102 -1.77 4.76 -17.19
CA SER A 102 -1.82 3.55 -16.28
C SER A 102 -3.09 2.76 -16.68
N LEU A 103 -4.18 3.47 -16.91
CA LEU A 103 -5.46 2.84 -17.33
C LEU A 103 -5.30 2.15 -18.69
N LYS A 104 -4.69 2.86 -19.66
CA LYS A 104 -4.38 2.19 -20.96
C LYS A 104 -3.51 0.95 -20.80
N LYS A 105 -2.44 1.01 -19.98
CA LYS A 105 -1.58 -0.18 -19.77
C LYS A 105 -2.38 -1.35 -19.19
N ALA A 106 -3.17 -1.08 -18.14
CA ALA A 106 -4.05 -2.11 -17.50
C ALA A 106 -5.26 -2.52 -18.34
N GLN A 107 -5.62 -1.72 -19.36
CA GLN A 107 -6.84 -1.92 -20.16
C GLN A 107 -8.08 -1.97 -19.25
N LEU A 108 -8.14 -1.04 -18.29
CA LEU A 108 -9.28 -0.86 -17.40
C LEU A 108 -9.90 0.51 -17.68
N ASP A 109 -11.21 0.64 -17.41
CA ASP A 109 -11.86 1.97 -17.50
C ASP A 109 -11.63 2.96 -16.33
N TYR A 110 -11.22 2.46 -15.16
CA TYR A 110 -11.03 3.28 -13.97
C TYR A 110 -10.17 2.51 -13.02
N VAL A 111 -9.48 3.22 -12.12
CA VAL A 111 -8.85 2.55 -10.96
C VAL A 111 -9.75 2.77 -9.73
N ASP A 112 -9.75 1.86 -8.77
CA ASP A 112 -10.59 2.10 -7.58
C ASP A 112 -9.89 3.15 -6.73
N LEU A 113 -8.57 3.20 -6.87
CA LEU A 113 -7.72 4.06 -6.04
C LEU A 113 -6.51 4.57 -6.77
N TYR A 114 -6.32 5.89 -6.73
CA TYR A 114 -5.12 6.46 -7.35
C TYR A 114 -4.42 7.21 -6.26
N LEU A 115 -3.11 6.94 -6.08
CA LEU A 115 -2.38 7.60 -5.00
C LEU A 115 -1.28 8.49 -5.56
N ILE A 116 -0.97 9.56 -4.84
CA ILE A 116 0.36 10.21 -4.97
C ILE A 116 1.40 9.28 -4.33
N HIS A 117 2.31 8.74 -5.14
CA HIS A 117 3.13 7.64 -4.66
C HIS A 117 4.05 8.15 -3.52
N SER A 118 4.47 9.41 -3.64
CA SER A 118 5.50 9.89 -2.74
C SER A 118 5.45 11.41 -2.73
N PRO A 119 5.74 12.04 -1.57
CA PRO A 119 5.79 13.51 -1.54
C PRO A 119 7.08 14.04 -2.16
N MET A 120 8.03 13.18 -2.55
CA MET A 120 9.34 13.69 -2.91
C MET A 120 9.46 13.89 -4.42
N SER A 121 9.23 15.10 -4.87
CA SER A 121 9.12 15.35 -6.33
C SER A 121 10.45 15.20 -7.06
N LEU A 122 10.38 14.73 -8.31
CA LEU A 122 11.58 14.48 -9.10
C LEU A 122 11.41 15.18 -10.42
N LYS A 123 12.50 15.60 -11.05
CA LYS A 123 12.43 16.30 -12.31
C LYS A 123 11.61 15.54 -13.36
N PRO A 124 10.66 16.22 -14.06
CA PRO A 124 9.72 15.57 -15.04
C PRO A 124 10.40 14.85 -16.19
N ILE A 138 18.02 13.80 -8.92
CA ILE A 138 17.63 15.14 -9.42
C ILE A 138 16.16 15.57 -9.08
N PHE A 139 16.05 16.50 -8.12
CA PHE A 139 14.80 16.77 -7.42
C PHE A 139 14.02 17.89 -8.12
N ASP A 140 12.72 17.99 -7.86
CA ASP A 140 11.86 19.05 -8.35
C ASP A 140 11.23 19.73 -7.14
N ILE A 141 10.72 20.96 -7.34
CA ILE A 141 9.91 21.59 -6.33
C ILE A 141 8.50 21.81 -6.87
N VAL A 142 7.51 21.18 -6.23
CA VAL A 142 6.17 21.27 -6.73
C VAL A 142 5.23 21.49 -5.55
N ASP A 143 4.30 22.45 -5.71
CA ASP A 143 3.23 22.59 -4.73
C ASP A 143 2.27 21.39 -4.75
N LEU A 144 2.36 20.50 -3.75
CA LEU A 144 1.56 19.29 -3.76
C LEU A 144 0.06 19.54 -3.60
N CYS A 145 -0.32 20.72 -3.12
CA CYS A 145 -1.69 21.13 -3.19
C CYS A 145 -2.23 21.25 -4.63
N THR A 146 -1.42 21.74 -5.57
CA THR A 146 -1.87 21.78 -6.96
C THR A 146 -1.89 20.36 -7.55
N THR A 147 -0.99 19.50 -7.09
CA THR A 147 -1.00 18.11 -7.55
C THR A 147 -2.30 17.51 -7.07
N TRP A 148 -2.64 17.75 -5.81
CA TRP A 148 -3.86 17.24 -5.25
C TRP A 148 -5.11 17.74 -6.01
N GLU A 149 -5.11 19.01 -6.41
CA GLU A 149 -6.25 19.55 -7.10
C GLU A 149 -6.43 18.76 -8.40
N ALA A 150 -5.31 18.39 -9.04
CA ALA A 150 -5.39 17.56 -10.28
C ALA A 150 -5.92 16.13 -10.01
N MET A 151 -5.53 15.54 -8.89
CA MET A 151 -6.14 14.29 -8.42
C MET A 151 -7.65 14.41 -8.21
N GLU A 152 -8.09 15.49 -7.56
CA GLU A 152 -9.56 15.71 -7.37
C GLU A 152 -10.29 15.70 -8.72
N LYS A 153 -9.74 16.40 -9.69
CA LYS A 153 -10.31 16.39 -11.07
C LYS A 153 -10.43 14.96 -11.69
N CYS A 154 -9.49 14.05 -11.35
CA CYS A 154 -9.46 12.67 -11.86
C CYS A 154 -10.58 11.87 -11.21
N LYS A 155 -10.81 12.07 -9.91
CA LYS A 155 -12.00 11.52 -9.29
C LYS A 155 -13.29 12.08 -9.93
N ASP A 156 -13.31 13.37 -10.16
CA ASP A 156 -14.53 14.00 -10.76
C ASP A 156 -14.80 13.43 -12.13
N ALA A 157 -13.75 13.14 -12.88
CA ALA A 157 -13.90 12.61 -14.25
C ALA A 157 -14.27 11.14 -14.25
N GLY A 158 -14.10 10.47 -13.11
CA GLY A 158 -14.49 9.06 -13.01
C GLY A 158 -13.28 8.19 -13.35
N LEU A 159 -12.09 8.79 -13.48
CA LEU A 159 -10.86 7.97 -13.77
C LEU A 159 -10.47 7.13 -12.57
N ALA A 160 -10.72 7.69 -11.38
CA ALA A 160 -10.36 7.01 -10.14
C ALA A 160 -11.62 7.12 -9.28
N LYS A 161 -12.06 6.03 -8.67
CA LYS A 161 -13.20 6.11 -7.72
C LYS A 161 -12.79 6.86 -6.48
N SER A 162 -11.58 6.54 -5.99
CA SER A 162 -11.05 7.18 -4.80
C SER A 162 -9.64 7.68 -5.03
N ILE A 163 -9.27 8.69 -4.25
CA ILE A 163 -7.87 9.22 -4.30
C ILE A 163 -7.27 9.33 -2.92
N GLY A 164 -5.97 9.10 -2.85
CA GLY A 164 -5.23 9.09 -1.57
C GLY A 164 -3.75 9.41 -1.77
N VAL A 165 -2.96 9.28 -0.68
CA VAL A 165 -1.54 9.59 -0.78
C VAL A 165 -0.74 8.38 -0.24
N SER A 166 0.59 8.43 -0.40
CA SER A 166 1.46 7.39 0.07
C SER A 166 2.77 8.09 0.50
N ASN A 167 3.33 7.56 1.57
CA ASN A 167 4.60 8.08 2.10
C ASN A 167 4.54 9.49 2.61
N PHE A 168 3.34 9.93 3.05
CA PHE A 168 3.19 11.26 3.61
C PHE A 168 3.35 11.14 5.12
N ASN A 169 4.08 12.08 5.71
CA ASN A 169 4.04 12.23 7.14
C ASN A 169 2.85 13.10 7.58
N ARG A 170 2.73 13.32 8.89
CA ARG A 170 1.61 14.11 9.42
C ARG A 170 1.60 15.50 8.86
N ARG A 171 2.73 16.16 8.83
CA ARG A 171 2.79 17.53 8.35
C ARG A 171 2.31 17.66 6.90
N GLN A 172 2.74 16.72 6.09
CA GLN A 172 2.38 16.70 4.65
C GLN A 172 0.95 16.39 4.41
N LEU A 173 0.40 15.48 5.21
CA LEU A 173 -1.01 15.20 5.17
C LEU A 173 -1.84 16.43 5.60
N GLU A 174 -1.43 17.09 6.70
CA GLU A 174 -2.18 18.31 7.15
C GLU A 174 -2.17 19.40 6.11
N MET A 175 -1.09 19.49 5.38
CA MET A 175 -0.97 20.46 4.33
C MET A 175 -2.10 20.28 3.28
N ILE A 176 -2.41 19.03 2.96
CA ILE A 176 -3.53 18.77 2.06
C ILE A 176 -4.84 19.02 2.79
N LEU A 177 -5.00 18.49 4.00
CA LEU A 177 -6.27 18.69 4.72
C LEU A 177 -6.62 20.13 4.98
N ASN A 178 -5.62 20.98 5.19
CA ASN A 178 -5.85 22.40 5.43
C ASN A 178 -5.90 23.29 4.21
N LYS A 179 -5.72 22.76 3.01
CA LYS A 179 -5.66 23.66 1.89
C LYS A 179 -7.06 24.36 1.59
N PRO A 180 -7.03 25.65 1.23
CA PRO A 180 -8.29 26.39 0.92
C PRO A 180 -9.08 25.73 -0.23
N GLY A 181 -10.39 25.57 -0.09
CA GLY A 181 -11.26 24.98 -1.12
C GLY A 181 -11.12 23.48 -1.41
N LEU A 182 -10.42 22.74 -0.55
CA LEU A 182 -10.34 21.28 -0.59
C LEU A 182 -11.69 20.67 -0.94
N LYS A 183 -11.70 19.77 -1.93
CA LYS A 183 -12.94 19.11 -2.27
C LYS A 183 -13.04 17.71 -1.71
N TYR A 184 -11.98 16.92 -1.85
CA TYR A 184 -11.90 15.52 -1.36
C TYR A 184 -10.70 15.35 -0.44
N LYS A 185 -10.95 14.80 0.75
CA LYS A 185 -9.85 14.40 1.64
C LYS A 185 -9.18 13.18 0.98
N PRO A 186 -7.85 13.05 1.12
CA PRO A 186 -7.32 11.72 0.77
C PRO A 186 -8.08 10.62 1.58
N VAL A 187 -8.37 9.46 0.97
CA VAL A 187 -9.07 8.38 1.66
C VAL A 187 -8.07 7.56 2.49
N CYS A 188 -6.78 7.65 2.15
CA CYS A 188 -5.79 6.82 2.82
C CYS A 188 -4.43 7.44 2.70
N ASN A 189 -3.50 6.88 3.47
CA ASN A 189 -2.09 7.19 3.40
C ASN A 189 -1.41 5.84 3.49
N GLN A 190 -0.80 5.39 2.38
CA GLN A 190 -0.17 4.11 2.36
C GLN A 190 1.32 4.30 2.70
N VAL A 191 1.80 3.62 3.76
CA VAL A 191 3.10 4.03 4.35
C VAL A 191 3.77 2.69 4.76
N GLU A 192 5.05 2.79 5.06
CA GLU A 192 5.78 1.60 5.59
C GLU A 192 5.27 1.34 7.02
N CYS A 193 4.86 0.12 7.31
CA CYS A 193 4.28 -0.08 8.66
C CYS A 193 4.31 -1.55 8.98
N HIS A 194 4.88 -1.89 10.15
CA HIS A 194 5.06 -3.26 10.57
C HIS A 194 5.55 -3.16 12.06
N PRO A 195 5.75 -4.32 12.77
CA PRO A 195 6.03 -4.25 14.20
C PRO A 195 7.29 -3.51 14.58
N TYR A 196 8.23 -3.34 13.64
CA TYR A 196 9.45 -2.55 13.98
C TYR A 196 9.33 -1.10 13.69
N PHE A 197 8.24 -0.70 13.03
CA PHE A 197 8.04 0.74 12.72
C PHE A 197 6.50 0.84 12.61
N ASN A 198 5.84 0.85 13.78
CA ASN A 198 4.40 0.62 13.76
C ASN A 198 3.52 1.82 13.51
N ARG A 199 4.14 3.01 13.50
CA ARG A 199 3.46 4.29 13.06
C ARG A 199 2.28 4.63 13.98
N SER A 200 2.41 4.29 15.27
N SER A 200 2.36 4.27 15.27
CA SER A 200 1.30 4.47 16.21
CA SER A 200 1.22 4.43 16.19
C SER A 200 0.72 5.85 16.17
C SER A 200 0.70 5.87 16.29
N LYS A 201 1.58 6.86 16.32
CA LYS A 201 1.13 8.26 16.36
C LYS A 201 0.48 8.76 15.05
N LEU A 202 1.08 8.36 13.94
CA LEU A 202 0.51 8.65 12.62
C LEU A 202 -0.84 7.91 12.43
N LEU A 203 -0.92 6.67 12.88
CA LEU A 203 -2.16 5.91 12.78
C LEU A 203 -3.24 6.63 13.60
N ASP A 204 -2.88 7.06 14.80
CA ASP A 204 -3.87 7.82 15.63
C ASP A 204 -4.35 9.07 14.90
N PHE A 205 -3.44 9.81 14.26
CA PHE A 205 -3.81 11.00 13.55
C PHE A 205 -4.78 10.71 12.37
N CYS A 206 -4.38 9.77 11.52
CA CYS A 206 -5.24 9.24 10.45
C CYS A 206 -6.67 8.83 10.96
N LYS A 207 -6.78 8.02 12.03
CA LYS A 207 -8.07 7.64 12.65
C LYS A 207 -8.86 8.90 13.03
N SER A 208 -8.17 9.94 13.54
CA SER A 208 -8.85 11.18 14.00
C SER A 208 -9.50 11.85 12.82
N LYS A 209 -8.92 11.65 11.62
CA LYS A 209 -9.38 12.32 10.39
C LYS A 209 -10.17 11.45 9.40
N ASP A 210 -10.54 10.24 9.83
CA ASP A 210 -11.17 9.20 9.02
C ASP A 210 -10.37 8.98 7.71
N ILE A 211 -9.05 8.87 7.87
CA ILE A 211 -8.18 8.52 6.75
C ILE A 211 -7.66 7.14 7.11
N VAL A 212 -7.71 6.17 6.19
CA VAL A 212 -7.26 4.80 6.50
C VAL A 212 -5.75 4.75 6.33
N LEU A 213 -5.06 4.08 7.26
CA LEU A 213 -3.65 3.81 7.02
C LEU A 213 -3.52 2.47 6.34
N VAL A 214 -2.82 2.45 5.19
CA VAL A 214 -2.52 1.20 4.49
C VAL A 214 -1.06 0.86 4.73
N ALA A 215 -0.78 -0.34 5.24
CA ALA A 215 0.59 -0.75 5.57
C ALA A 215 1.25 -1.50 4.39
N TYR A 216 2.39 -0.98 3.90
CA TYR A 216 3.28 -1.75 2.99
C TYR A 216 4.50 -2.19 3.74
N SER A 217 5.22 -3.17 3.14
CA SER A 217 6.32 -3.86 3.81
C SER A 217 5.86 -4.37 5.23
N ALA A 218 4.59 -4.78 5.33
CA ALA A 218 4.04 -5.31 6.59
C ALA A 218 4.73 -6.61 6.99
N LEU A 219 5.45 -7.21 6.03
CA LEU A 219 6.11 -8.49 6.34
C LEU A 219 7.62 -8.23 6.40
N GLY A 220 8.03 -6.96 6.43
CA GLY A 220 9.47 -6.66 6.57
C GLY A 220 10.16 -6.29 5.28
N SER A 221 9.41 -6.12 4.20
CA SER A 221 9.94 -5.74 2.88
C SER A 221 10.65 -6.89 2.17
N GLN A 222 10.94 -6.65 0.89
CA GLN A 222 11.69 -7.58 0.11
C GLN A 222 13.17 -7.49 0.37
N ARG A 223 13.58 -6.58 1.28
CA ARG A 223 15.02 -6.40 1.60
C ARG A 223 15.85 -6.19 0.30
N ASP A 224 15.36 -5.37 -0.61
CA ASP A 224 16.09 -5.11 -1.85
C ASP A 224 17.31 -4.25 -1.54
N LYS A 225 18.47 -4.65 -2.04
CA LYS A 225 19.78 -3.96 -1.79
C LYS A 225 19.81 -2.51 -2.28
N ARG A 226 18.91 -2.17 -3.19
CA ARG A 226 18.90 -0.77 -3.68
C ARG A 226 18.60 0.21 -2.52
N TRP A 227 17.81 -0.26 -1.52
CA TRP A 227 17.31 0.65 -0.44
C TRP A 227 17.41 0.10 0.97
N VAL A 228 17.63 -1.22 1.11
CA VAL A 228 17.52 -1.86 2.45
C VAL A 228 18.88 -2.39 2.87
N ASP A 229 19.34 -2.06 4.08
CA ASP A 229 20.59 -2.58 4.51
C ASP A 229 20.42 -4.09 4.87
N PRO A 230 21.26 -5.00 4.30
CA PRO A 230 21.02 -6.44 4.66
C PRO A 230 21.41 -6.74 6.11
N ASN A 231 22.20 -5.85 6.76
CA ASN A 231 22.39 -5.98 8.22
C ASN A 231 21.16 -5.75 9.12
N SER A 232 20.13 -5.15 8.58
CA SER A 232 18.89 -4.87 9.33
C SER A 232 18.22 -6.16 9.79
N PRO A 233 17.58 -6.12 10.93
CA PRO A 233 17.02 -7.38 11.46
C PRO A 233 15.92 -7.87 10.52
N VAL A 234 15.75 -9.18 10.45
CA VAL A 234 14.75 -9.75 9.55
C VAL A 234 13.46 -9.85 10.32
N LEU A 235 12.42 -9.11 9.90
CA LEU A 235 11.24 -9.00 10.74
C LEU A 235 10.63 -10.42 11.04
N LEU A 236 10.55 -11.28 10.01
CA LEU A 236 9.83 -12.58 10.17
C LEU A 236 10.69 -13.58 10.98
N GLU A 237 11.89 -13.16 11.39
CA GLU A 237 12.67 -13.98 12.32
C GLU A 237 12.56 -13.48 13.75
N ASP A 238 11.73 -12.47 13.98
CA ASP A 238 11.62 -11.89 15.28
C ASP A 238 11.14 -12.93 16.32
N PRO A 239 11.77 -12.97 17.47
CA PRO A 239 11.47 -14.07 18.38
C PRO A 239 10.07 -13.94 19.02
N VAL A 240 9.56 -12.72 19.15
CA VAL A 240 8.25 -12.55 19.69
C VAL A 240 7.25 -12.99 18.64
N LEU A 241 7.45 -12.57 17.36
CA LEU A 241 6.56 -13.10 16.34
C LEU A 241 6.60 -14.63 16.20
N CYS A 242 7.81 -15.22 16.30
CA CYS A 242 7.91 -16.67 16.20
CA CYS A 242 7.98 -16.68 16.23
C CYS A 242 7.17 -17.37 17.36
N ALA A 243 7.27 -16.78 18.56
CA ALA A 243 6.63 -17.37 19.76
C ALA A 243 5.11 -17.27 19.66
N LEU A 244 4.60 -16.13 19.17
CA LEU A 244 3.14 -16.03 18.83
C LEU A 244 2.67 -16.95 17.71
N ALA A 245 3.54 -17.13 16.70
CA ALA A 245 3.21 -18.11 15.64
C ALA A 245 3.07 -19.49 16.21
N LYS A 246 3.98 -19.84 17.12
CA LYS A 246 3.96 -21.17 17.73
C LYS A 246 2.71 -21.35 18.64
N LYS A 247 2.36 -20.28 19.38
CA LYS A 247 1.19 -20.31 20.31
C LYS A 247 -0.07 -20.48 19.51
N HIS A 248 -0.20 -19.78 18.38
CA HIS A 248 -1.39 -19.87 17.51
C HIS A 248 -1.35 -20.97 16.45
N LYS A 249 -0.20 -21.67 16.34
CA LYS A 249 -0.02 -22.68 15.27
C LYS A 249 -0.33 -22.03 13.91
N ARG A 250 0.27 -20.86 13.73
CA ARG A 250 0.16 -20.10 12.44
C ARG A 250 1.61 -19.85 12.00
N THR A 251 1.92 -18.72 11.38
CA THR A 251 3.29 -18.47 10.95
C THR A 251 3.60 -17.01 11.34
N PRO A 252 4.90 -16.66 11.38
CA PRO A 252 5.21 -15.26 11.78
C PRO A 252 4.55 -14.24 10.80
N ALA A 253 4.49 -14.55 9.50
CA ALA A 253 3.85 -13.63 8.52
C ALA A 253 2.39 -13.38 8.91
N LEU A 254 1.67 -14.49 9.21
CA LEU A 254 0.28 -14.36 9.58
C LEU A 254 0.07 -13.56 10.83
N ILE A 255 0.98 -13.68 11.80
CA ILE A 255 0.87 -12.85 13.05
C ILE A 255 1.02 -11.36 12.67
N ALA A 256 1.99 -11.07 11.85
CA ALA A 256 2.27 -9.66 11.45
C ALA A 256 1.13 -9.01 10.65
N LEU A 257 0.46 -9.79 9.77
CA LEU A 257 -0.72 -9.32 9.04
C LEU A 257 -1.92 -9.16 10.00
N ARG A 258 -2.11 -10.12 10.93
CA ARG A 258 -3.29 -10.03 11.81
C ARG A 258 -3.17 -8.88 12.77
N TYR A 259 -1.93 -8.62 13.20
CA TYR A 259 -1.64 -7.43 14.01
C TYR A 259 -2.21 -6.18 13.41
N GLN A 260 -1.96 -5.99 12.12
CA GLN A 260 -2.42 -4.73 11.43
C GLN A 260 -3.95 -4.69 11.36
N LEU A 261 -4.56 -5.81 11.00
CA LEU A 261 -6.03 -5.81 10.89
C LEU A 261 -6.66 -5.43 12.23
N GLN A 262 -6.10 -5.91 13.36
CA GLN A 262 -6.75 -5.61 14.67
C GLN A 262 -6.45 -4.19 15.17
N ARG A 263 -5.48 -3.53 14.52
CA ARG A 263 -5.16 -2.08 14.67
CA ARG A 263 -5.37 -2.08 14.84
C ARG A 263 -6.04 -1.19 13.82
N GLY A 264 -6.89 -1.79 12.94
CA GLY A 264 -7.68 -0.93 12.08
C GLY A 264 -6.83 -0.45 10.87
N VAL A 265 -5.71 -1.14 10.60
CA VAL A 265 -4.84 -0.80 9.44
C VAL A 265 -5.17 -1.80 8.32
N VAL A 266 -5.33 -1.29 7.08
CA VAL A 266 -5.47 -2.14 5.87
C VAL A 266 -4.07 -2.62 5.50
N VAL A 267 -3.93 -3.91 5.22
CA VAL A 267 -2.55 -4.46 5.15
C VAL A 267 -2.34 -5.10 3.77
N LEU A 268 -1.20 -4.79 3.17
CA LEU A 268 -0.79 -5.43 1.93
C LEU A 268 0.13 -6.57 2.24
N ALA A 269 0.21 -7.56 1.31
CA ALA A 269 1.15 -8.65 1.47
C ALA A 269 1.57 -9.01 0.06
N LYS A 270 2.87 -8.88 -0.19
CA LYS A 270 3.42 -9.39 -1.49
C LYS A 270 3.87 -10.82 -1.32
N SER A 271 3.49 -11.69 -2.27
CA SER A 271 4.21 -12.97 -2.38
C SER A 271 4.14 -13.39 -3.81
N TYR A 272 5.26 -13.91 -4.36
CA TYR A 272 5.20 -14.54 -5.68
C TYR A 272 5.24 -16.06 -5.58
N ASN A 273 4.92 -16.60 -4.40
CA ASN A 273 5.03 -18.03 -4.17
C ASN A 273 3.61 -18.60 -3.98
N GLU A 274 3.27 -19.62 -4.76
CA GLU A 274 1.85 -20.10 -4.73
C GLU A 274 1.40 -20.54 -3.32
N GLN A 275 2.25 -21.24 -2.58
CA GLN A 275 1.89 -21.64 -1.17
C GLN A 275 1.64 -20.46 -0.24
N ARG A 276 2.56 -19.47 -0.25
CA ARG A 276 2.44 -18.33 0.63
C ARG A 276 1.29 -17.38 0.26
N ILE A 277 1.00 -17.26 -1.04
CA ILE A 277 -0.17 -16.47 -1.44
C ILE A 277 -1.46 -17.02 -0.80
N ARG A 278 -1.64 -18.32 -0.91
CA ARG A 278 -2.81 -19.00 -0.29
C ARG A 278 -2.79 -18.97 1.24
N GLN A 279 -1.57 -19.08 1.82
CA GLN A 279 -1.37 -18.92 3.29
C GLN A 279 -1.87 -17.59 3.81
N ASN A 280 -1.51 -16.51 3.12
CA ASN A 280 -1.78 -15.18 3.65
C ASN A 280 -3.26 -14.87 3.84
N VAL A 281 -4.14 -15.47 3.06
CA VAL A 281 -5.57 -15.23 3.29
C VAL A 281 -6.09 -15.90 4.59
N GLN A 282 -5.28 -16.76 5.23
CA GLN A 282 -5.66 -17.36 6.51
C GLN A 282 -5.71 -16.26 7.62
N VAL A 283 -5.24 -15.07 7.33
CA VAL A 283 -5.30 -13.99 8.37
C VAL A 283 -6.73 -13.78 8.92
N PHE A 284 -7.75 -14.14 8.14
CA PHE A 284 -9.13 -14.03 8.59
C PHE A 284 -9.55 -15.14 9.54
N GLU A 285 -8.71 -16.16 9.73
CA GLU A 285 -9.19 -17.40 10.36
C GLU A 285 -8.86 -17.46 11.83
N PHE A 286 -8.16 -16.45 12.38
CA PHE A 286 -7.82 -16.51 13.82
C PHE A 286 -7.70 -15.06 14.37
N GLN A 287 -7.47 -14.96 15.68
CA GLN A 287 -7.44 -13.66 16.37
C GLN A 287 -6.33 -13.65 17.35
N LEU A 288 -5.73 -12.47 17.56
CA LEU A 288 -4.76 -12.29 18.60
C LEU A 288 -5.46 -11.71 19.86
N THR A 289 -4.98 -12.04 21.05
CA THR A 289 -5.59 -11.49 22.29
C THR A 289 -4.95 -10.12 22.62
N ALA A 290 -5.50 -9.39 23.60
CA ALA A 290 -4.86 -8.09 24.03
C ALA A 290 -3.37 -8.31 24.41
N GLU A 291 -3.08 -9.40 25.13
CA GLU A 291 -1.71 -9.62 25.55
C GLU A 291 -0.79 -9.85 24.34
N ASP A 292 -1.28 -10.60 23.37
CA ASP A 292 -0.50 -10.80 22.10
C ASP A 292 -0.27 -9.46 21.40
N MET A 293 -1.29 -8.63 21.34
CA MET A 293 -1.14 -7.31 20.65
C MET A 293 -0.14 -6.41 21.38
N LYS A 294 -0.19 -6.41 22.71
CA LYS A 294 0.74 -5.64 23.57
CA LYS A 294 0.74 -5.62 23.52
C LYS A 294 2.18 -6.12 23.31
N ALA A 295 2.36 -7.46 23.22
CA ALA A 295 3.68 -8.00 22.91
C ALA A 295 4.20 -7.54 21.56
N ILE A 296 3.35 -7.54 20.54
CA ILE A 296 3.83 -7.09 19.21
C ILE A 296 4.07 -5.55 19.25
N ASP A 297 3.15 -4.78 19.84
CA ASP A 297 3.36 -3.33 20.06
C ASP A 297 4.71 -3.00 20.74
N GLY A 298 5.18 -3.88 21.60
CA GLY A 298 6.49 -3.78 22.28
C GLY A 298 7.72 -3.83 21.37
N LEU A 299 7.55 -4.31 20.13
CA LEU A 299 8.68 -4.49 19.21
C LEU A 299 9.04 -3.18 18.49
N ASP A 300 8.18 -2.18 18.59
CA ASP A 300 8.35 -0.95 17.80
C ASP A 300 9.75 -0.38 18.10
N ARG A 301 10.51 -0.05 17.06
CA ARG A 301 11.85 0.45 17.30
C ARG A 301 12.31 1.46 16.22
N ASN A 302 11.38 2.19 15.60
CA ASN A 302 11.70 3.24 14.61
C ASN A 302 12.58 2.74 13.47
N LEU A 303 12.39 1.50 13.08
CA LEU A 303 13.16 0.94 11.98
C LEU A 303 12.39 0.97 10.66
N HIS A 304 12.72 1.94 9.79
CA HIS A 304 12.23 1.86 8.44
C HIS A 304 13.29 1.17 7.54
N TYR A 305 12.85 0.09 6.87
CA TYR A 305 13.74 -0.76 6.09
C TYR A 305 14.24 0.07 4.90
N PHE A 306 13.35 0.92 4.31
CA PHE A 306 13.81 1.78 3.18
C PHE A 306 14.65 2.91 3.74
N ASN A 307 15.95 2.79 3.60
CA ASN A 307 16.87 3.69 4.32
C ASN A 307 17.98 4.00 3.39
N SER A 308 17.72 4.96 2.49
CA SER A 308 18.64 5.17 1.38
C SER A 308 18.97 6.68 1.20
N ASP A 309 20.20 7.00 0.85
CA ASP A 309 20.57 8.34 0.40
C ASP A 309 19.57 8.89 -0.64
N SER A 310 18.98 8.01 -1.46
CA SER A 310 18.15 8.56 -2.54
C SER A 310 16.85 9.18 -1.96
N PHE A 311 16.42 8.77 -0.77
CA PHE A 311 15.21 9.39 -0.15
C PHE A 311 15.68 10.45 0.86
N ALA A 312 16.70 10.10 1.64
CA ALA A 312 17.02 10.79 2.88
C ALA A 312 17.53 12.16 2.57
N SER A 313 18.09 12.37 1.38
CA SER A 313 18.66 13.68 1.11
C SER A 313 17.63 14.61 0.43
N HIS A 314 16.38 14.16 0.23
CA HIS A 314 15.37 14.95 -0.44
C HIS A 314 14.79 16.03 0.49
N PRO A 315 14.55 17.27 -0.04
CA PRO A 315 13.97 18.30 0.83
C PRO A 315 12.65 17.85 1.46
N ASN A 316 11.88 16.99 0.79
CA ASN A 316 10.58 16.56 1.31
C ASN A 316 10.54 15.14 1.85
N TYR A 317 11.69 14.68 2.34
CA TYR A 317 11.82 13.33 2.87
C TYR A 317 10.84 13.18 4.01
N PRO A 318 9.98 12.17 3.96
CA PRO A 318 8.96 12.09 4.99
C PRO A 318 9.45 11.72 6.40
N TYR A 319 10.59 11.07 6.50
CA TYR A 319 11.04 10.68 7.82
C TYR A 319 11.88 11.77 8.51
N SER A 320 11.83 13.00 8.01
CA SER A 320 12.47 14.12 8.70
C SER A 320 11.80 14.52 10.01
N ASP A 321 10.53 14.15 10.23
CA ASP A 321 9.82 14.58 11.46
C ASP A 321 9.73 13.56 12.62
PA NAP B . 6.04 -7.59 1.96
O1A NAP B . 4.57 -7.64 1.79
O2A NAP B . 6.67 -6.87 3.19
O5B NAP B . 6.76 -9.02 1.80
C5B NAP B . 8.14 -9.23 2.13
C4B NAP B . 8.47 -10.66 1.69
O4B NAP B . 7.57 -11.53 2.48
C3B NAP B . 8.04 -10.98 0.25
O3B NAP B . 9.09 -10.78 -0.71
C2B NAP B . 7.55 -12.47 0.31
O2B NAP B . 8.44 -13.41 -0.29
C1B NAP B . 7.52 -12.78 1.78
N9A NAP B . 6.29 -13.48 2.25
C8A NAP B . 5.02 -13.25 1.84
N7A NAP B . 4.19 -14.06 2.53
C5A NAP B . 4.92 -14.81 3.33
C6A NAP B . 4.56 -15.82 4.23
N6A NAP B . 3.23 -16.21 4.40
N1A NAP B . 5.57 -16.42 4.90
C2A NAP B . 6.88 -16.08 4.73
N3A NAP B . 7.28 -15.09 3.90
C4A NAP B . 6.28 -14.45 3.17
O3 NAP B . 6.68 -6.91 0.64
PN NAP B . 6.72 -5.46 -0.07
O1N NAP B . 6.80 -5.78 -1.52
O2N NAP B . 7.87 -4.71 0.56
O5D NAP B . 5.35 -4.73 0.35
C5D NAP B . 4.07 -5.28 -0.17
C4D NAP B . 3.58 -4.35 -1.31
O4D NAP B . 3.40 -2.98 -0.85
C3D NAP B . 4.51 -4.17 -2.47
O3D NAP B . 4.50 -5.31 -3.34
C2D NAP B . 3.88 -2.97 -3.21
O2D NAP B . 2.58 -3.42 -3.75
C1D NAP B . 3.53 -2.08 -1.99
N1N NAP B . 4.65 -1.11 -1.61
C2N NAP B . 4.36 0.21 -1.78
C3N NAP B . 5.32 1.17 -1.47
C7N NAP B . 4.99 2.64 -1.63
O7N NAP B . 5.93 3.45 -1.68
N7N NAP B . 3.67 2.93 -1.59
C4N NAP B . 6.59 0.78 -1.13
C5N NAP B . 6.90 -0.58 -0.95
C6N NAP B . 5.95 -1.57 -1.16
P2B NAP B . 7.87 -14.42 -1.48
O1X NAP B . 7.49 -13.56 -2.69
O2X NAP B . 9.03 -15.34 -1.70
O3X NAP B . 6.67 -15.22 -0.78
C1 NPX C . 9.41 6.47 -0.06
O2 NPX C . 9.52 7.36 0.94
C2 NPX C . 8.98 6.92 -1.29
C3 NPX C . 8.78 6.08 -2.35
C4 NPX C . 9.05 4.74 -2.20
C5 NPX C . 9.53 4.25 -0.99
C6 NPX C . 9.67 5.12 0.10
C7 NPX C . 8.88 3.89 -3.31
C8 NPX C . 9.13 2.55 -3.19
C9 NPX C . 8.90 1.66 -4.38
C10 NPX C . 10.12 0.81 -4.79
C13 NPX C . 9.81 2.87 -0.86
C11 NPX C . 9.59 2.00 -1.93
C12 NPX C . 10.05 6.99 2.26
O NPX C . 6.52 1.33 -4.21
OXT NPX C . 7.78 -0.48 -4.01
C15 NPX C . 7.69 0.79 -4.16
C1 EDO D . -9.44 -9.89 0.59
O1 EDO D . -8.86 -8.90 -0.27
C2 EDO D . -10.58 -9.24 1.40
O2 EDO D . -10.10 -8.14 2.27
C1 EDO E . -14.76 -1.62 -3.73
C1 EDO E . -15.36 -2.22 -5.12
O1 EDO E . -15.22 -0.26 -3.58
O1 EDO E . -15.35 -0.93 -4.49
C2 EDO E . -15.70 -2.55 -2.99
C2 EDO E . -14.04 -2.98 -4.91
O2 EDO E . -15.18 -3.89 -2.94
O2 EDO E . -14.02 -3.57 -3.60
C1 EDO F . 13.13 4.02 -5.98
O1 EDO F . 12.83 3.93 -7.38
C2 EDO F . 12.39 5.22 -5.40
O2 EDO F . 13.01 6.40 -5.99
C1 EDO G . 10.45 -4.46 -1.84
C1 EDO G . 9.47 -4.23 -1.72
O1 EDO G . 10.11 -4.25 -0.51
O1 EDO G . 10.17 -4.41 -0.45
C2 EDO G . 10.16 -3.31 -2.78
C2 EDO G . 10.26 -3.99 -3.02
O2 EDO G . 8.80 -2.86 -2.60
O2 EDO G . 11.65 -3.95 -2.81
C1 EDO H . 9.15 8.91 11.55
O1 EDO H . 8.97 8.11 12.74
C2 EDO H . 7.75 9.37 11.29
O2 EDO H . 7.73 10.15 10.09
#